data_7Q11
#
_entry.id   7Q11
#
_cell.length_a   41.485
_cell.length_b   62.372
_cell.length_c   87.187
_cell.angle_alpha   90.000
_cell.angle_beta   90.000
_cell.angle_gamma   90.000
#
_symmetry.space_group_name_H-M   'P 21 21 21'
#
loop_
_entity.id
_entity.type
_entity.pdbx_description
1 polymer Beta-lactamase
2 non-polymer 'DIMETHYL SULFOXIDE'
3 non-polymer '[(1~{R})-1-[2-[[2,5-bis(chloranyl)phenyl]carbonylamino]ethanoylamino]-3-methyl-butyl]boronic acid'
4 non-polymer 'CHLORIDE ION'
5 non-polymer 'SULFATE ION'
6 water water
#
_entity_poly.entity_id   1
_entity_poly.type   'polypeptide(L)'
_entity_poly.pdbx_seq_one_letter_code
;ETSAVQQKLAALEKSSGGRLGVALIDTADNTQVLYRGDERFPMCSTSKVMAAAAVLKQSETQKQLLNQPVEIKPADLVNY
NPIAEKHVNGTMTLAELSAAALQYSDNTAMNKLIAQLGGPGGVTAFARAIGDETFRLDRTEPTLNTAIPGDPRDTTTPRA
MAQTLRQLTLGHALGETQRAQLVTWLKGNTTGAASIRAGLPTSWTVGDKTGSGDYGTTNDIAVIWPQGRAPLVLVTYFTQ
PQQNAESRRDVLASAARIIAEG
;
_entity_poly.pdbx_strand_id   A
#
loop_
_chem_comp.id
_chem_comp.type
_chem_comp.name
_chem_comp.formula
6V8 non-polymer '[(1~{R})-1-[2-[[2,5-bis(chloranyl)phenyl]carbonylamino]ethanoylamino]-3-methyl-butyl]boronic acid' 'C14 H19 B Cl2 N2 O4'
CL non-polymer 'CHLORIDE ION' 'Cl -1'
DMS non-polymer 'DIMETHYL SULFOXIDE' 'C2 H6 O S'
SO4 non-polymer 'SULFATE ION' 'O4 S -2'
#
# COMPACT_ATOMS: atom_id res chain seq x y z
N GLU A 1 11.50 23.33 11.77
N GLU A 1 11.28 22.99 12.37
CA GLU A 1 10.23 23.96 12.08
CA GLU A 1 10.25 23.95 12.02
C GLU A 1 9.10 23.25 11.34
C GLU A 1 9.09 23.25 11.32
N THR A 2 7.88 23.74 11.55
CA THR A 2 6.70 23.09 11.01
C THR A 2 5.72 24.07 10.39
N SER A 3 5.00 23.58 9.40
CA SER A 3 3.89 24.32 8.81
C SER A 3 2.59 24.02 9.55
N ALA A 4 1.57 24.81 9.24
CA ALA A 4 0.26 24.55 9.80
C ALA A 4 -0.26 23.16 9.42
N VAL A 5 0.11 22.66 8.24
CA VAL A 5 -0.29 21.31 7.84
C VAL A 5 0.31 20.30 8.81
N GLN A 6 1.61 20.41 9.04
CA GLN A 6 2.29 19.48 9.94
C GLN A 6 1.79 19.63 11.37
N GLN A 7 1.45 20.85 11.79
CA GLN A 7 0.91 21.04 13.13
C GLN A 7 -0.43 20.34 13.28
N LYS A 8 -1.28 20.41 12.26
CA LYS A 8 -2.54 19.69 12.30
C LYS A 8 -2.31 18.19 12.34
N LEU A 9 -1.35 17.68 11.56
CA LEU A 9 -1.05 16.26 11.58
C LEU A 9 -0.52 15.84 12.95
N ALA A 10 0.32 16.67 13.57
CA ALA A 10 0.85 16.36 14.90
C ALA A 10 -0.28 16.33 15.92
N ALA A 11 -1.23 17.24 15.81
CA ALA A 11 -2.34 17.24 16.76
C ALA A 11 -3.22 16.01 16.59
N LEU A 12 -3.44 15.58 15.34
CA LEU A 12 -4.16 14.35 15.07
C LEU A 12 -3.42 13.17 15.66
N GLU A 13 -2.10 13.12 15.45
CA GLU A 13 -1.28 12.06 16.04
C GLU A 13 -1.43 12.03 17.54
N LYS A 14 -1.31 13.19 18.18
CA LYS A 14 -1.39 13.25 19.64
C LYS A 14 -2.76 12.75 20.13
N SER A 15 -3.83 13.20 19.49
CA SER A 15 -5.16 12.79 19.94
CA SER A 15 -5.17 12.79 19.91
CA SER A 15 -5.18 12.81 19.89
C SER A 15 -5.39 11.30 19.73
N SER A 16 -4.76 10.72 18.72
CA SER A 16 -4.94 9.32 18.35
CA SER A 16 -5.02 9.32 18.42
C SER A 16 -4.19 8.36 19.24
N GLY A 17 -3.18 8.84 19.97
CA GLY A 17 -2.35 7.99 20.81
C GLY A 17 -1.28 7.20 20.11
N GLY A 18 -1.09 7.35 18.80
CA GLY A 18 -0.14 6.56 18.07
C GLY A 18 0.95 7.35 17.39
N ARG A 19 1.50 6.77 16.32
CA ARG A 19 2.59 7.32 15.53
C ARG A 19 2.11 7.34 14.09
N LEU A 20 2.09 8.53 13.50
CA LEU A 20 1.55 8.80 12.18
C LEU A 20 2.67 9.19 11.23
N GLY A 21 2.64 8.62 10.03
CA GLY A 21 3.56 8.94 8.97
C GLY A 21 2.82 9.33 7.71
N VAL A 22 3.17 10.47 7.13
CA VAL A 22 2.48 10.99 5.96
C VAL A 22 3.50 11.45 4.94
N ALA A 23 3.24 11.17 3.67
CA ALA A 23 3.98 11.78 2.58
C ALA A 23 3.02 12.09 1.45
N LEU A 24 2.98 13.36 1.04
CA LEU A 24 2.23 13.85 -0.09
C LEU A 24 3.22 14.31 -1.15
N ILE A 25 3.02 13.88 -2.40
CA ILE A 25 3.72 14.46 -3.54
C ILE A 25 2.66 15.15 -4.40
N ASP A 26 2.88 16.43 -4.68
CA ASP A 26 2.04 17.17 -5.62
C ASP A 26 2.79 17.18 -6.95
N THR A 27 2.26 16.45 -7.94
CA THR A 27 2.98 16.35 -9.20
C THR A 27 2.90 17.62 -10.05
N ALA A 28 2.10 18.62 -9.64
CA ALA A 28 2.11 19.89 -10.36
C ALA A 28 3.49 20.54 -10.29
N ASP A 29 4.14 20.46 -9.12
CA ASP A 29 5.41 21.14 -8.90
C ASP A 29 6.44 20.25 -8.20
N ASN A 30 6.13 18.97 -8.03
CA ASN A 30 7.00 17.99 -7.38
C ASN A 30 7.36 18.34 -5.95
N THR A 31 6.56 19.18 -5.30
CA THR A 31 6.78 19.42 -3.89
C THR A 31 6.25 18.26 -3.06
N GLN A 32 6.85 18.10 -1.89
CA GLN A 32 6.45 17.10 -0.93
C GLN A 32 6.05 17.74 0.38
N VAL A 33 5.03 17.17 1.02
CA VAL A 33 4.67 17.51 2.40
C VAL A 33 4.82 16.21 3.19
N LEU A 34 5.65 16.25 4.23
CA LEU A 34 6.01 15.07 5.00
C LEU A 34 5.69 15.26 6.48
N TYR A 35 5.30 14.17 7.13
CA TYR A 35 5.20 14.10 8.57
C TYR A 35 5.80 12.75 8.96
N ARG A 36 6.90 12.76 9.73
CA ARG A 36 7.67 11.54 9.98
C ARG A 36 8.00 10.83 8.66
N GLY A 37 8.33 11.61 7.62
CA GLY A 37 8.45 11.06 6.29
C GLY A 37 9.60 10.10 6.11
N ASP A 38 10.63 10.18 6.95
CA ASP A 38 11.79 9.30 6.87
C ASP A 38 11.85 8.28 8.00
N GLU A 39 10.80 8.14 8.79
CA GLU A 39 10.73 7.07 9.78
C GLU A 39 10.14 5.81 9.15
N ARG A 40 10.62 4.66 9.60
CA ARG A 40 10.09 3.39 9.11
C ARG A 40 8.79 3.04 9.82
N PHE A 41 7.88 2.43 9.05
CA PHE A 41 6.62 1.92 9.52
C PHE A 41 6.39 0.55 8.92
N PRO A 42 5.68 -0.33 9.62
CA PRO A 42 5.29 -1.63 9.02
C PRO A 42 4.30 -1.39 7.89
N MET A 43 4.61 -1.92 6.71
CA MET A 43 3.77 -1.72 5.51
C MET A 43 2.46 -2.50 5.57
N CYS A 44 2.50 -3.68 6.20
CA CYS A 44 1.36 -4.60 6.16
C CYS A 44 0.93 -4.78 4.71
N SER A 45 -0.37 -4.84 4.44
CA SER A 45 -0.86 -5.20 3.11
C SER A 45 -0.57 -4.15 2.04
N THR A 46 -0.08 -2.96 2.41
CA THR A 46 0.32 -2.03 1.35
C THR A 46 1.48 -2.58 0.53
N SER A 47 2.21 -3.57 1.07
CA SER A 47 3.26 -4.24 0.32
C SER A 47 2.73 -5.03 -0.87
N LYS A 48 1.43 -5.32 -0.91
CA LYS A 48 0.84 -6.03 -2.04
C LYS A 48 1.02 -5.23 -3.34
N VAL A 49 1.08 -3.90 -3.26
CA VAL A 49 1.34 -3.11 -4.47
C VAL A 49 2.68 -3.46 -5.08
N MET A 50 3.73 -3.53 -4.26
N MET A 50 3.73 -3.52 -4.25
CA MET A 50 5.06 -3.83 -4.81
CA MET A 50 5.06 -3.83 -4.76
C MET A 50 5.11 -5.23 -5.39
C MET A 50 5.09 -5.22 -5.39
N ALA A 51 4.45 -6.19 -4.75
CA ALA A 51 4.45 -7.56 -5.28
C ALA A 51 3.72 -7.63 -6.62
N ALA A 52 2.54 -7.02 -6.72
CA ALA A 52 1.82 -7.01 -7.99
C ALA A 52 2.62 -6.29 -9.06
N ALA A 53 3.24 -5.15 -8.71
CA ALA A 53 4.04 -4.41 -9.68
C ALA A 53 5.23 -5.23 -10.17
N ALA A 54 5.83 -6.03 -9.27
CA ALA A 54 6.98 -6.85 -9.65
C ALA A 54 6.56 -7.89 -10.70
N VAL A 55 5.37 -8.49 -10.54
CA VAL A 55 4.88 -9.42 -11.54
C VAL A 55 4.55 -8.68 -12.85
N LEU A 56 3.96 -7.49 -12.76
CA LEU A 56 3.75 -6.69 -13.97
C LEU A 56 5.07 -6.47 -14.70
N LYS A 57 6.13 -6.15 -13.96
CA LYS A 57 7.42 -5.95 -14.62
C LYS A 57 7.87 -7.23 -15.32
N GLN A 58 7.73 -8.38 -14.66
CA GLN A 58 8.09 -9.64 -15.31
C GLN A 58 7.32 -9.81 -16.62
N SER A 59 6.06 -9.40 -16.64
CA SER A 59 5.23 -9.61 -17.82
C SER A 59 5.65 -8.74 -19.01
N GLU A 60 6.49 -7.72 -18.78
CA GLU A 60 6.94 -6.89 -19.91
C GLU A 60 7.78 -7.67 -20.89
N THR A 61 8.42 -8.75 -20.43
CA THR A 61 9.21 -9.60 -21.31
C THR A 61 8.61 -10.99 -21.48
N GLN A 62 7.41 -11.25 -20.94
CA GLN A 62 6.68 -12.52 -21.09
C GLN A 62 5.21 -12.12 -21.19
N LYS A 63 4.74 -11.86 -22.42
CA LYS A 63 3.50 -11.10 -22.61
C LYS A 63 2.26 -11.83 -22.09
N GLN A 64 2.27 -13.16 -22.07
CA GLN A 64 1.12 -13.91 -21.59
C GLN A 64 1.25 -14.28 -20.12
N LEU A 65 2.26 -13.76 -19.41
CA LEU A 65 2.48 -14.18 -18.03
C LEU A 65 1.25 -13.95 -17.15
N LEU A 66 0.59 -12.80 -17.30
CA LEU A 66 -0.56 -12.53 -16.45
C LEU A 66 -1.67 -13.53 -16.67
N ASN A 67 -1.73 -14.17 -17.83
CA ASN A 67 -2.81 -15.12 -18.07
C ASN A 67 -2.42 -16.55 -17.70
N GLN A 68 -1.27 -16.75 -17.11
CA GLN A 68 -0.81 -18.09 -16.73
C GLN A 68 -1.59 -18.60 -15.53
N PRO A 69 -2.27 -19.75 -15.62
CA PRO A 69 -2.94 -20.30 -14.44
C PRO A 69 -1.95 -20.82 -13.41
N VAL A 70 -2.29 -20.59 -12.15
CA VAL A 70 -1.52 -21.03 -10.99
C VAL A 70 -2.43 -21.88 -10.13
N GLU A 71 -1.96 -23.06 -9.73
N GLU A 71 -1.94 -23.05 -9.71
CA GLU A 71 -2.77 -23.93 -8.89
CA GLU A 71 -2.76 -23.92 -8.89
C GLU A 71 -2.96 -23.34 -7.50
C GLU A 71 -2.96 -23.36 -7.48
N ILE A 72 -4.17 -23.47 -6.99
CA ILE A 72 -4.52 -23.14 -5.60
C ILE A 72 -4.85 -24.46 -4.90
N LYS A 73 -4.02 -24.85 -3.99
CA LYS A 73 -4.22 -26.07 -3.24
C LYS A 73 -4.88 -25.76 -1.91
N PRO A 74 -5.58 -26.74 -1.31
CA PRO A 74 -6.16 -26.50 0.03
C PRO A 74 -5.15 -25.93 1.01
N ALA A 75 -3.92 -26.47 1.00
CA ALA A 75 -2.89 -26.06 1.94
C ALA A 75 -2.38 -24.65 1.72
N ASP A 76 -2.68 -24.03 0.58
CA ASP A 76 -2.23 -22.66 0.34
C ASP A 76 -3.02 -21.66 1.17
N LEU A 77 -4.22 -22.01 1.61
CA LEU A 77 -5.06 -21.01 2.27
C LEU A 77 -4.48 -20.58 3.61
N VAL A 78 -4.50 -19.28 3.86
CA VAL A 78 -4.03 -18.69 5.10
C VAL A 78 -5.22 -18.05 5.81
N ASN A 79 -5.05 -16.85 6.37
CA ASN A 79 -6.03 -16.30 7.31
C ASN A 79 -7.13 -15.49 6.65
N TYR A 80 -7.00 -15.12 5.38
CA TYR A 80 -8.00 -14.28 4.73
C TYR A 80 -7.89 -14.51 3.23
N ASN A 81 -8.83 -15.29 2.69
CA ASN A 81 -8.73 -15.84 1.34
C ASN A 81 -10.06 -15.69 0.60
N PRO A 82 -10.63 -14.49 0.57
CA PRO A 82 -12.00 -14.36 0.03
C PRO A 82 -12.15 -14.80 -1.41
N ILE A 83 -11.12 -14.60 -2.24
CA ILE A 83 -11.17 -14.98 -3.64
C ILE A 83 -10.55 -16.35 -3.86
N ALA A 84 -9.38 -16.58 -3.25
CA ALA A 84 -8.70 -17.85 -3.48
C ALA A 84 -9.51 -19.04 -2.98
N GLU A 85 -10.32 -18.88 -1.94
CA GLU A 85 -11.12 -20.00 -1.46
C GLU A 85 -12.11 -20.50 -2.49
N LYS A 86 -12.45 -19.69 -3.48
CA LYS A 86 -13.35 -20.11 -4.55
C LYS A 86 -12.65 -20.98 -5.58
N HIS A 87 -11.34 -21.19 -5.46
CA HIS A 87 -10.54 -21.89 -6.46
C HIS A 87 -9.67 -22.99 -5.87
N VAL A 88 -10.02 -23.52 -4.69
CA VAL A 88 -9.26 -24.61 -4.10
CA VAL A 88 -9.22 -24.58 -4.13
C VAL A 88 -9.34 -25.83 -5.00
N ASN A 89 -8.21 -26.49 -5.21
CA ASN A 89 -8.06 -27.57 -6.19
C ASN A 89 -8.25 -27.08 -7.60
N GLY A 90 -8.31 -25.77 -7.77
CA GLY A 90 -8.46 -25.15 -9.07
C GLY A 90 -7.28 -24.25 -9.37
N THR A 91 -7.52 -23.19 -10.12
CA THR A 91 -6.46 -22.28 -10.52
C THR A 91 -6.95 -20.84 -10.45
N MET A 92 -5.99 -19.93 -10.39
CA MET A 92 -6.19 -18.52 -10.66
C MET A 92 -5.01 -18.05 -11.50
N THR A 93 -5.26 -17.18 -12.47
CA THR A 93 -4.15 -16.64 -13.26
C THR A 93 -3.38 -15.62 -12.41
N LEU A 94 -2.18 -15.26 -12.86
CA LEU A 94 -1.45 -14.21 -12.17
C LEU A 94 -2.20 -12.88 -12.18
N ALA A 95 -2.95 -12.58 -13.25
CA ALA A 95 -3.80 -11.39 -13.23
C ALA A 95 -4.89 -11.50 -12.17
N GLU A 96 -5.55 -12.66 -12.11
CA GLU A 96 -6.59 -12.85 -11.10
C GLU A 96 -6.01 -12.76 -9.69
N LEU A 97 -4.82 -13.33 -9.48
CA LEU A 97 -4.18 -13.24 -8.17
C LEU A 97 -3.84 -11.79 -7.83
N SER A 98 -3.36 -11.04 -8.82
CA SER A 98 -3.05 -9.63 -8.59
C SER A 98 -4.30 -8.84 -8.25
N ALA A 99 -5.39 -9.05 -9.00
CA ALA A 99 -6.62 -8.35 -8.71
C ALA A 99 -7.14 -8.71 -7.32
N ALA A 100 -7.08 -9.99 -6.95
CA ALA A 100 -7.57 -10.41 -5.64
C ALA A 100 -6.73 -9.81 -4.52
N ALA A 101 -5.40 -9.85 -4.65
CA ALA A 101 -4.53 -9.27 -3.65
C ALA A 101 -4.76 -7.77 -3.51
N LEU A 102 -4.86 -7.07 -4.63
CA LEU A 102 -4.98 -5.62 -4.57
C LEU A 102 -6.37 -5.15 -4.21
N GLN A 103 -7.41 -5.76 -4.78
CA GLN A 103 -8.76 -5.19 -4.67
C GLN A 103 -9.55 -5.75 -3.51
N TYR A 104 -9.21 -6.96 -3.05
CA TYR A 104 -9.83 -7.59 -1.90
C TYR A 104 -8.87 -7.83 -0.74
N SER A 105 -7.57 -7.62 -0.95
CA SER A 105 -6.52 -7.83 0.05
C SER A 105 -6.43 -9.33 0.41
N ASP A 106 -6.67 -10.21 -0.56
CA ASP A 106 -6.54 -11.66 -0.35
C ASP A 106 -5.09 -12.04 -0.06
N ASN A 107 -4.88 -12.70 1.08
CA ASN A 107 -3.54 -13.05 1.52
C ASN A 107 -2.98 -14.28 0.82
N THR A 108 -3.83 -15.26 0.46
CA THR A 108 -3.35 -16.36 -0.36
C THR A 108 -2.83 -15.83 -1.69
N ALA A 109 -3.58 -14.92 -2.31
CA ALA A 109 -3.16 -14.34 -3.56
C ALA A 109 -1.82 -13.64 -3.43
N MET A 110 -1.64 -12.84 -2.37
CA MET A 110 -0.34 -12.21 -2.15
C MET A 110 0.76 -13.26 -2.06
N ASN A 111 0.53 -14.34 -1.31
CA ASN A 111 1.59 -15.34 -1.19
C ASN A 111 1.93 -15.97 -2.53
N LYS A 112 0.95 -16.13 -3.44
CA LYS A 112 1.28 -16.62 -4.78
C LYS A 112 2.14 -15.62 -5.54
N LEU A 113 1.87 -14.32 -5.40
CA LEU A 113 2.70 -13.32 -6.05
C LEU A 113 4.12 -13.39 -5.53
N ILE A 114 4.26 -13.45 -4.20
CA ILE A 114 5.59 -13.55 -3.61
C ILE A 114 6.32 -14.78 -4.14
N ALA A 115 5.62 -15.93 -4.23
CA ALA A 115 6.26 -17.14 -4.72
C ALA A 115 6.69 -17.01 -6.17
N GLN A 116 5.86 -16.35 -6.99
CA GLN A 116 6.22 -16.09 -8.38
C GLN A 116 7.49 -15.28 -8.51
N LEU A 117 7.81 -14.46 -7.51
CA LEU A 117 9.01 -13.65 -7.49
C LEU A 117 10.18 -14.32 -6.79
N GLY A 118 10.01 -15.58 -6.38
CA GLY A 118 11.08 -16.31 -5.73
C GLY A 118 11.19 -16.10 -4.24
N GLY A 119 10.21 -15.47 -3.62
CA GLY A 119 10.24 -15.23 -2.20
C GLY A 119 10.24 -13.74 -1.90
N PRO A 120 10.13 -13.38 -0.62
CA PRO A 120 10.11 -11.95 -0.26
C PRO A 120 11.30 -11.17 -0.82
N GLY A 121 12.48 -11.77 -0.85
CA GLY A 121 13.64 -11.09 -1.39
C GLY A 121 13.50 -10.71 -2.85
N GLY A 122 12.71 -11.46 -3.62
CA GLY A 122 12.47 -11.07 -5.00
C GLY A 122 11.64 -9.81 -5.12
N VAL A 123 10.73 -9.59 -4.18
CA VAL A 123 9.98 -8.34 -4.15
C VAL A 123 10.91 -7.18 -3.82
N THR A 124 11.79 -7.37 -2.82
CA THR A 124 12.76 -6.35 -2.47
C THR A 124 13.68 -6.04 -3.64
N ALA A 125 14.11 -7.08 -4.36
CA ALA A 125 15.00 -6.86 -5.49
C ALA A 125 14.32 -6.02 -6.57
N PHE A 126 13.03 -6.27 -6.81
CA PHE A 126 12.30 -5.42 -7.75
C PHE A 126 12.28 -3.98 -7.27
N ALA A 127 12.00 -3.76 -5.99
CA ALA A 127 12.02 -2.41 -5.43
C ALA A 127 13.34 -1.72 -5.73
N ARG A 128 14.47 -2.40 -5.47
CA ARG A 128 15.77 -1.81 -5.75
C ARG A 128 15.94 -1.49 -7.24
N ALA A 129 15.41 -2.36 -8.10
CA ALA A 129 15.56 -2.15 -9.54
C ALA A 129 14.82 -0.90 -10.03
N ILE A 130 13.76 -0.49 -9.34
CA ILE A 130 13.04 0.71 -9.71
C ILE A 130 13.41 1.90 -8.82
N GLY A 131 14.54 1.82 -8.12
CA GLY A 131 15.08 2.95 -7.39
C GLY A 131 14.56 3.13 -5.99
N ASP A 132 13.84 2.15 -5.45
CA ASP A 132 13.38 2.21 -4.07
C ASP A 132 14.45 1.52 -3.22
N GLU A 133 15.21 2.33 -2.49
CA GLU A 133 16.33 1.86 -1.67
CA GLU A 133 16.32 1.85 -1.67
C GLU A 133 15.92 1.58 -0.24
N THR A 134 14.64 1.72 0.08
CA THR A 134 14.14 1.74 1.45
C THR A 134 13.27 0.53 1.77
N PHE A 135 12.36 0.19 0.87
CA PHE A 135 11.46 -0.95 1.03
C PHE A 135 12.22 -2.21 1.37
N ARG A 136 11.68 -3.00 2.29
CA ARG A 136 12.15 -4.36 2.46
C ARG A 136 10.96 -5.25 2.78
N LEU A 137 10.85 -6.35 2.05
CA LEU A 137 9.89 -7.41 2.37
C LEU A 137 10.67 -8.62 2.86
N ASP A 138 10.35 -9.07 4.07
CA ASP A 138 11.08 -10.13 4.77
C ASP A 138 10.27 -11.40 4.91
N ARG A 139 8.95 -11.29 4.97
CA ARG A 139 8.10 -12.41 5.32
C ARG A 139 6.89 -12.45 4.39
N THR A 140 6.23 -13.61 4.40
CA THR A 140 4.97 -13.81 3.68
C THR A 140 3.78 -13.41 4.54
N GLU A 141 2.57 -13.53 3.98
CA GLU A 141 1.36 -13.38 4.77
C GLU A 141 1.12 -14.65 5.57
N PRO A 142 0.71 -14.56 6.84
CA PRO A 142 0.33 -13.34 7.55
C PRO A 142 1.39 -12.74 8.47
N THR A 143 2.57 -13.37 8.59
CA THR A 143 3.52 -12.90 9.59
C THR A 143 4.17 -11.56 9.24
N LEU A 144 4.05 -11.10 7.99
CA LEU A 144 4.59 -9.78 7.69
C LEU A 144 3.84 -8.66 8.43
N ASN A 145 2.77 -8.97 9.15
CA ASN A 145 1.96 -7.98 9.84
C ASN A 145 2.24 -7.88 11.35
N THR A 146 3.30 -8.52 11.86
CA THR A 146 3.52 -8.47 13.32
C THR A 146 3.74 -7.04 13.83
N ALA A 147 4.34 -6.18 13.02
CA ALA A 147 4.37 -4.73 13.27
C ALA A 147 4.95 -4.37 14.63
N ILE A 148 5.99 -5.07 15.05
CA ILE A 148 6.55 -4.85 16.38
C ILE A 148 7.29 -3.52 16.38
N PRO A 149 7.08 -2.64 17.35
CA PRO A 149 7.78 -1.36 17.36
C PRO A 149 9.28 -1.55 17.28
N GLY A 150 9.92 -0.82 16.37
CA GLY A 150 11.36 -0.87 16.22
C GLY A 150 11.87 -1.93 15.26
N ASP A 151 11.05 -2.91 14.90
CA ASP A 151 11.49 -4.00 14.06
C ASP A 151 11.56 -3.52 12.60
N PRO A 152 12.70 -3.63 11.93
CA PRO A 152 12.78 -3.17 10.53
C PRO A 152 12.14 -4.12 9.53
N ARG A 153 11.78 -5.35 9.94
CA ARG A 153 11.21 -6.28 8.97
C ARG A 153 9.95 -5.71 8.34
N ASP A 154 9.82 -5.87 7.02
CA ASP A 154 8.58 -5.57 6.33
C ASP A 154 8.18 -4.10 6.52
N THR A 155 9.17 -3.21 6.46
CA THR A 155 8.95 -1.77 6.62
C THR A 155 9.40 -0.97 5.40
N THR A 156 8.88 0.27 5.34
CA THR A 156 9.41 1.30 4.47
C THR A 156 9.13 2.63 5.14
N THR A 157 9.51 3.73 4.48
CA THR A 157 9.17 5.06 4.98
C THR A 157 8.07 5.67 4.13
N PRO A 158 7.34 6.65 4.68
CA PRO A 158 6.32 7.30 3.86
C PRO A 158 6.90 7.95 2.62
N ARG A 159 8.04 8.63 2.74
CA ARG A 159 8.64 9.29 1.59
C ARG A 159 8.98 8.28 0.51
N ALA A 160 9.64 7.18 0.89
CA ALA A 160 10.04 6.21 -0.11
C ALA A 160 8.84 5.59 -0.80
N MET A 161 7.80 5.25 -0.04
CA MET A 161 6.65 4.61 -0.67
CA MET A 161 6.64 4.61 -0.66
C MET A 161 5.90 5.59 -1.57
N ALA A 162 5.82 6.86 -1.19
CA ALA A 162 5.14 7.83 -2.06
C ALA A 162 5.91 7.99 -3.37
N GLN A 163 7.24 8.08 -3.29
CA GLN A 163 8.03 8.23 -4.49
C GLN A 163 7.87 7.02 -5.40
N THR A 164 7.87 5.83 -4.82
CA THR A 164 7.72 4.63 -5.61
C THR A 164 6.32 4.52 -6.19
N LEU A 165 5.29 4.82 -5.38
CA LEU A 165 3.94 4.75 -5.92
C LEU A 165 3.77 5.71 -7.09
N ARG A 166 4.37 6.89 -7.02
CA ARG A 166 4.36 7.81 -8.16
C ARG A 166 5.03 7.19 -9.39
N GLN A 167 6.23 6.64 -9.19
CA GLN A 167 6.97 6.03 -10.29
C GLN A 167 6.18 4.91 -10.95
N LEU A 168 5.46 4.12 -10.15
CA LEU A 168 4.74 2.97 -10.66
C LEU A 168 3.46 3.32 -11.42
N THR A 169 2.82 4.43 -11.09
CA THR A 169 1.49 4.74 -11.62
C THR A 169 1.47 5.94 -12.56
N LEU A 170 2.17 7.00 -12.24
CA LEU A 170 2.22 8.21 -13.05
C LEU A 170 3.51 8.32 -13.84
N GLY A 171 4.58 7.78 -13.30
CA GLY A 171 5.84 7.65 -14.00
C GLY A 171 5.89 6.37 -14.81
N HIS A 172 7.11 5.97 -15.17
CA HIS A 172 7.32 4.91 -16.13
C HIS A 172 8.26 3.85 -15.60
N ALA A 173 8.22 3.58 -14.30
CA ALA A 173 8.91 2.41 -13.79
C ALA A 173 8.42 1.14 -14.43
N LEU A 174 7.15 1.11 -14.84
CA LEU A 174 6.53 0.02 -15.58
C LEU A 174 6.26 0.46 -17.01
N GLY A 175 6.13 -0.52 -17.89
CA GLY A 175 5.71 -0.28 -19.25
C GLY A 175 4.29 0.24 -19.33
N GLU A 176 3.88 0.65 -20.54
CA GLU A 176 2.62 1.38 -20.69
C GLU A 176 1.41 0.55 -20.31
N THR A 177 1.26 -0.62 -20.91
CA THR A 177 0.12 -1.47 -20.58
C THR A 177 0.12 -1.81 -19.10
N GLN A 178 1.31 -2.04 -18.53
CA GLN A 178 1.43 -2.45 -17.14
C GLN A 178 1.06 -1.34 -16.17
N ARG A 179 1.53 -0.12 -16.41
CA ARG A 179 1.19 1.00 -15.53
CA ARG A 179 1.18 0.95 -15.49
C ARG A 179 -0.31 1.25 -15.56
N ALA A 180 -0.89 1.20 -16.76
CA ALA A 180 -2.33 1.37 -16.87
C ALA A 180 -3.08 0.27 -16.14
N GLN A 181 -2.59 -0.97 -16.21
CA GLN A 181 -3.21 -2.07 -15.48
C GLN A 181 -3.14 -1.84 -13.97
N LEU A 182 -1.99 -1.40 -13.47
CA LEU A 182 -1.86 -1.15 -12.04
C LEU A 182 -2.85 -0.08 -11.60
N VAL A 183 -2.93 1.01 -12.36
CA VAL A 183 -3.89 2.06 -12.06
C VAL A 183 -5.32 1.51 -12.04
N THR A 184 -5.69 0.71 -13.04
CA THR A 184 -7.02 0.11 -13.06
C THR A 184 -7.28 -0.70 -11.79
N TRP A 185 -6.31 -1.51 -11.39
CA TRP A 185 -6.51 -2.31 -10.19
C TRP A 185 -6.69 -1.44 -8.96
N LEU A 186 -5.80 -0.45 -8.77
CA LEU A 186 -5.87 0.40 -7.59
C LEU A 186 -7.18 1.18 -7.54
N LYS A 187 -7.62 1.67 -8.70
CA LYS A 187 -8.85 2.45 -8.74
C LYS A 187 -10.05 1.61 -8.31
N GLY A 188 -10.07 0.32 -8.63
CA GLY A 188 -11.17 -0.55 -8.30
C GLY A 188 -11.10 -1.19 -6.93
N ASN A 189 -10.16 -0.78 -6.09
CA ASN A 189 -10.04 -1.36 -4.76
C ASN A 189 -11.38 -1.29 -4.03
N THR A 190 -11.69 -2.35 -3.30
CA THR A 190 -12.95 -2.41 -2.55
C THR A 190 -12.79 -2.12 -1.07
N THR A 191 -11.58 -2.01 -0.53
CA THR A 191 -11.37 -2.00 0.91
C THR A 191 -11.05 -0.62 1.48
N GLY A 192 -11.09 0.43 0.67
CA GLY A 192 -10.56 1.72 1.07
C GLY A 192 -11.56 2.80 1.44
N ALA A 193 -12.85 2.48 1.55
CA ALA A 193 -13.85 3.54 1.66
C ALA A 193 -13.72 4.35 2.95
N ALA A 194 -13.21 3.78 4.02
CA ALA A 194 -13.11 4.46 5.30
C ALA A 194 -11.74 5.09 5.55
N SER A 195 -10.80 4.97 4.61
CA SER A 195 -9.42 5.39 4.79
C SER A 195 -9.19 6.71 4.04
N ILE A 196 -8.15 6.81 3.22
CA ILE A 196 -7.87 8.08 2.54
C ILE A 196 -9.11 8.61 1.81
N ARG A 197 -9.81 7.73 1.08
CA ARG A 197 -10.99 8.18 0.31
C ARG A 197 -12.00 8.94 1.15
N ALA A 198 -12.18 8.55 2.40
CA ALA A 198 -13.19 9.19 3.23
C ALA A 198 -12.82 10.62 3.59
N GLY A 199 -11.57 11.02 3.44
CA GLY A 199 -11.14 12.36 3.75
C GLY A 199 -11.03 13.29 2.57
N LEU A 200 -11.34 12.84 1.37
CA LEU A 200 -11.12 13.64 0.18
C LEU A 200 -12.41 14.03 -0.49
N PRO A 201 -12.42 15.13 -1.27
CA PRO A 201 -13.63 15.49 -2.02
C PRO A 201 -14.10 14.35 -2.91
N THR A 202 -15.42 14.17 -3.00
CA THR A 202 -15.98 13.06 -3.76
C THR A 202 -15.75 13.18 -5.25
N SER A 203 -15.43 14.37 -5.73
CA SER A 203 -15.18 14.53 -7.16
C SER A 203 -13.80 14.02 -7.57
N TRP A 204 -12.93 13.69 -6.62
CA TRP A 204 -11.57 13.25 -6.92
C TRP A 204 -11.55 11.75 -7.17
N THR A 205 -10.86 11.32 -8.24
CA THR A 205 -10.67 9.89 -8.51
C THR A 205 -9.50 9.40 -7.69
N VAL A 206 -9.62 8.19 -7.11
CA VAL A 206 -8.59 7.67 -6.22
C VAL A 206 -8.31 6.22 -6.54
N GLY A 207 -7.05 5.85 -6.58
CA GLY A 207 -6.65 4.45 -6.52
C GLY A 207 -5.89 4.26 -5.22
N ASP A 208 -6.15 3.16 -4.51
CA ASP A 208 -5.49 3.01 -3.22
C ASP A 208 -5.30 1.55 -2.87
N LYS A 209 -4.41 1.33 -1.90
CA LYS A 209 -4.26 0.02 -1.26
C LYS A 209 -4.11 0.24 0.24
N THR A 210 -5.00 -0.40 1.01
CA THR A 210 -4.98 -0.38 2.46
C THR A 210 -4.05 -1.44 3.03
N GLY A 211 -3.80 -1.33 4.33
CA GLY A 211 -3.22 -2.43 5.08
C GLY A 211 -3.53 -2.32 6.55
N SER A 212 -3.46 -3.46 7.24
CA SER A 212 -3.66 -3.50 8.68
C SER A 212 -2.86 -4.64 9.30
N GLY A 213 -2.54 -4.47 10.57
CA GLY A 213 -1.75 -5.46 11.26
C GLY A 213 -1.81 -5.28 12.76
N ASP A 214 -0.93 -5.99 13.44
CA ASP A 214 -0.85 -5.86 14.88
C ASP A 214 -0.40 -4.44 15.25
N TYR A 215 -0.47 -4.14 16.55
CA TYR A 215 -0.21 -2.78 17.06
C TYR A 215 -1.16 -1.78 16.43
N GLY A 216 -2.35 -2.23 16.12
CA GLY A 216 -3.37 -1.36 15.52
C GLY A 216 -2.86 -0.65 14.28
N THR A 217 -1.96 -1.30 13.56
CA THR A 217 -1.37 -0.69 12.38
C THR A 217 -2.44 -0.55 11.31
N THR A 218 -2.58 0.67 10.78
CA THR A 218 -3.66 1.02 9.87
C THR A 218 -3.06 1.92 8.81
N ASN A 219 -3.04 1.45 7.56
CA ASN A 219 -2.28 2.10 6.51
C ASN A 219 -3.12 2.28 5.25
N ASP A 220 -2.70 3.21 4.40
CA ASP A 220 -3.30 3.36 3.08
C ASP A 220 -2.30 4.14 2.22
N ILE A 221 -2.19 3.76 0.95
CA ILE A 221 -1.36 4.46 -0.02
C ILE A 221 -2.22 4.71 -1.24
N ALA A 222 -2.13 5.91 -1.82
CA ALA A 222 -3.08 6.31 -2.84
C ALA A 222 -2.47 7.20 -3.91
N VAL A 223 -3.01 7.06 -5.11
N VAL A 223 -2.97 7.03 -5.12
CA VAL A 223 -2.81 8.02 -6.20
CA VAL A 223 -2.87 8.02 -6.19
C VAL A 223 -4.15 8.70 -6.44
C VAL A 223 -4.20 8.73 -6.30
N ILE A 224 -4.14 10.04 -6.49
CA ILE A 224 -5.33 10.87 -6.41
C ILE A 224 -5.35 11.83 -7.58
N TRP A 225 -6.50 11.92 -8.25
CA TRP A 225 -6.69 12.84 -9.36
C TRP A 225 -7.76 13.85 -8.98
N PRO A 226 -7.37 15.03 -8.49
CA PRO A 226 -8.35 16.10 -8.32
C PRO A 226 -8.87 16.56 -9.67
N GLN A 227 -10.08 17.11 -9.69
CA GLN A 227 -10.63 17.64 -10.93
C GLN A 227 -9.83 18.88 -11.34
N GLY A 228 -9.29 18.84 -12.55
CA GLY A 228 -8.71 20.02 -13.16
C GLY A 228 -7.35 20.46 -12.64
N ARG A 229 -6.61 19.59 -11.96
CA ARG A 229 -5.23 19.90 -11.58
C ARG A 229 -4.44 18.61 -11.61
N ALA A 230 -3.13 18.74 -11.48
CA ALA A 230 -2.25 17.59 -11.59
C ALA A 230 -2.51 16.59 -10.45
N PRO A 231 -2.26 15.32 -10.68
CA PRO A 231 -2.49 14.31 -9.64
C PRO A 231 -1.50 14.43 -8.49
N LEU A 232 -1.89 13.77 -7.41
CA LEU A 232 -1.15 13.71 -6.17
C LEU A 232 -0.90 12.25 -5.81
N VAL A 233 0.11 12.02 -4.98
CA VAL A 233 0.34 10.71 -4.38
C VAL A 233 0.38 10.94 -2.88
N LEU A 234 -0.31 10.08 -2.12
CA LEU A 234 -0.40 10.24 -0.67
C LEU A 234 -0.22 8.90 0.01
N VAL A 235 0.68 8.86 1.00
CA VAL A 235 0.86 7.72 1.87
C VAL A 235 0.49 8.16 3.28
N THR A 236 -0.34 7.35 3.94
CA THR A 236 -0.69 7.56 5.36
C THR A 236 -0.48 6.24 6.10
N TYR A 237 0.50 6.21 7.00
CA TYR A 237 0.80 5.05 7.81
CA TYR A 237 0.81 5.04 7.83
C TYR A 237 0.53 5.39 9.27
N PHE A 238 0.01 4.44 10.03
CA PHE A 238 -0.32 4.70 11.42
C PHE A 238 -0.12 3.44 12.23
N THR A 239 0.52 3.56 13.39
CA THR A 239 0.73 2.40 14.24
C THR A 239 0.70 2.85 15.70
N GLN A 240 0.45 1.93 16.62
CA GLN A 240 0.10 2.27 17.98
C GLN A 240 0.95 1.52 18.99
N PRO A 241 0.94 1.92 20.25
CA PRO A 241 1.93 1.36 21.19
C PRO A 241 1.65 -0.05 21.68
N GLN A 242 0.40 -0.50 21.66
CA GLN A 242 0.01 -1.77 22.27
C GLN A 242 -0.42 -2.75 21.20
N GLN A 243 -0.04 -4.02 21.39
CA GLN A 243 -0.18 -5.03 20.35
CA GLN A 243 -0.18 -5.03 20.35
C GLN A 243 -1.62 -5.19 19.86
N ASN A 244 -2.59 -5.14 20.75
CA ASN A 244 -3.98 -5.40 20.38
C ASN A 244 -4.79 -4.14 20.17
N ALA A 245 -4.13 -3.03 19.88
CA ALA A 245 -4.84 -1.79 19.59
C ALA A 245 -5.82 -1.97 18.44
N GLU A 246 -6.92 -1.23 18.50
CA GLU A 246 -7.95 -1.27 17.48
CA GLU A 246 -7.95 -1.27 17.47
C GLU A 246 -7.51 -0.53 16.22
N SER A 247 -8.07 -0.94 15.09
CA SER A 247 -7.86 -0.23 13.84
CA SER A 247 -7.88 -0.24 13.82
CA SER A 247 -7.82 -0.22 13.85
C SER A 247 -8.37 1.21 13.93
N ARG A 248 -7.69 2.11 13.22
CA ARG A 248 -8.06 3.53 13.22
C ARG A 248 -8.05 4.09 11.80
N ARG A 249 -8.93 3.55 10.96
CA ARG A 249 -9.02 4.07 9.59
C ARG A 249 -9.42 5.53 9.59
N ASP A 250 -10.20 5.95 10.59
CA ASP A 250 -10.58 7.35 10.70
C ASP A 250 -9.39 8.29 10.78
N VAL A 251 -8.28 7.85 11.39
CA VAL A 251 -7.09 8.68 11.45
C VAL A 251 -6.54 8.94 10.06
N LEU A 252 -6.58 7.93 9.20
CA LEU A 252 -6.11 8.09 7.82
C LEU A 252 -7.01 9.05 7.06
N ALA A 253 -8.33 8.90 7.24
CA ALA A 253 -9.26 9.84 6.61
C ALA A 253 -9.00 11.26 7.08
N SER A 254 -8.75 11.44 8.37
CA SER A 254 -8.46 12.77 8.90
C SER A 254 -7.18 13.33 8.35
N ALA A 255 -6.14 12.49 8.21
CA ALA A 255 -4.88 12.95 7.66
C ALA A 255 -5.07 13.40 6.22
N ALA A 256 -5.84 12.65 5.43
CA ALA A 256 -6.12 13.03 4.06
C ALA A 256 -6.88 14.34 3.99
N ARG A 257 -7.86 14.53 4.87
CA ARG A 257 -8.61 15.77 4.91
C ARG A 257 -7.69 16.96 5.19
N ILE A 258 -6.78 16.79 6.15
CA ILE A 258 -5.83 17.85 6.47
C ILE A 258 -4.96 18.18 5.26
N ILE A 259 -4.40 17.15 4.62
CA ILE A 259 -3.50 17.35 3.49
CA ILE A 259 -3.49 17.40 3.50
C ILE A 259 -4.21 18.05 2.33
N ALA A 260 -5.49 17.76 2.14
CA ALA A 260 -6.21 18.29 0.99
C ALA A 260 -6.61 19.75 1.17
N GLU A 261 -6.58 20.27 2.40
CA GLU A 261 -7.11 21.62 2.63
C GLU A 261 -6.44 22.65 1.72
N GLY A 262 -5.14 22.62 1.63
CA GLY A 262 -4.42 23.62 0.85
C GLY A 262 -4.46 23.33 -0.64
S DMS B . 13.96 5.06 -11.38
O DMS B . 14.46 6.18 -12.22
C1 DMS B . 15.14 3.71 -11.13
C2 DMS B . 13.48 5.64 -9.73
H11 DMS B . 15.91 3.78 -11.85
H12 DMS B . 14.64 2.79 -11.23
H13 DMS B . 15.56 3.78 -10.15
H21 DMS B . 13.68 4.88 -9.01
H22 DMS B . 12.44 5.85 -9.71
H23 DMS B . 14.03 6.51 -9.48
S DMS C . -2.93 5.65 -16.01
O DMS C . -4.03 4.78 -16.52
C1 DMS C . -2.99 7.22 -16.92
C2 DMS C . -1.33 5.05 -16.59
H11 DMS C . -3.99 7.55 -16.98
H12 DMS C . -2.60 7.07 -17.90
H13 DMS C . -2.40 7.94 -16.41
H21 DMS C . -0.55 5.63 -16.18
H22 DMS C . -1.29 5.13 -17.65
H23 DMS C . -1.21 4.03 -16.30
S DMS D . -12.15 2.21 12.11
O DMS D . -10.95 1.53 11.59
C1 DMS D . -13.64 1.91 11.17
C2 DMS D . -12.02 3.99 12.00
H11 DMS D . -14.46 2.36 11.67
H12 DMS D . -13.80 0.85 11.11
H13 DMS D . -13.54 2.30 10.20
H21 DMS D . -11.85 4.27 10.99
H22 DMS D . -11.21 4.33 12.60
H23 DMS D . -12.92 4.43 12.33
S DMS E . 5.47 9.26 18.11
O DMS E . 4.24 9.91 18.67
C1 DMS E . 5.60 7.59 18.73
C2 DMS E . 6.90 9.96 18.98
H11 DMS E . 6.54 7.18 18.45
H12 DMS E . 4.83 6.99 18.32
H13 DMS E . 5.51 7.59 19.79
H21 DMS E . 7.80 9.60 18.54
H22 DMS E . 6.88 9.67 20.00
H23 DMS E . 6.88 11.01 18.91
N9 6V8 F . -2.73 -10.18 9.98
C4 6V8 F . -0.10 -13.16 12.49
C2 6V8 F . -1.77 -11.61 11.65
C6 6V8 F . -2.17 -13.95 11.65
C5 6V8 F . -0.95 -14.20 12.21
O19 6V8 F . -3.36 -10.45 7.45
C18 6V8 F . -3.39 -9.31 7.90
N20 6V8 F . -3.50 -8.13 7.11
C21 6V8 F . -3.61 -8.04 5.66
B26 6V8 F . -2.43 -7.04 5.15
O28 6V8 F . -1.16 -7.68 5.22
O27 6V8 F . -2.45 -5.85 5.89
C22 6V8 F . -5.01 -7.50 5.33
C23 6V8 F . -6.20 -8.24 5.96
C25 6V8 F . -6.20 -9.73 5.64
C24 6V8 F . -7.51 -7.63 5.44
C10 6V8 F . -3.27 -9.01 9.39
C7 6V8 F . -2.26 -10.22 11.30
O8 6V8 F . -2.28 -9.25 12.02
C3 6V8 F . -0.53 -11.86 12.21
CL3 6V8 F . 0.55 -10.53 12.57
CL6 6V8 F . -3.25 -15.28 11.27
C1 6V8 F . -2.60 -12.68 11.37
H1 6V8 F . -2.69 -10.90 9.50
H2 6V8 F . 0.74 -13.31 12.86
H3 6V8 F . -0.70 -15.06 12.41
H4 6V8 F . -3.50 -7.38 7.54
H5 6V8 F . -3.51 -8.89 5.21
H6 6V8 F . -0.86 -7.73 4.41
H7 6V8 F . -3.11 -5.40 5.60
H8 6V8 F . -5.05 -6.58 5.64
H9 6V8 F . -5.12 -7.52 4.37
H10 6V8 F . -6.12 -8.14 6.93
H11 6V8 F . -5.81 -9.87 4.76
H12 6V8 F . -5.69 -10.22 6.31
H13 6V8 F . -7.12 -10.07 5.64
H14 6V8 F . -7.53 -6.70 5.65
H15 6V8 F . -7.56 -7.75 4.48
H16 6V8 F . -8.27 -8.08 5.86
H17 6V8 F . -2.67 -8.25 9.54
H18 6V8 F . -4.14 -8.81 9.76
H19 6V8 F . -3.44 -12.54 10.98
CL CL G . -6.09 -4.36 3.68
S SO4 H . 1.49 -4.94 -24.58
O1 SO4 H . 0.91 -6.00 -23.76
O2 SO4 H . 0.46 -3.95 -24.90
O3 SO4 H . 2.57 -4.30 -23.83
O4 SO4 H . 2.03 -5.52 -25.80
S SO4 I . 19.74 -4.08 0.57
O1 SO4 I . 19.77 -3.79 2.01
O2 SO4 I . 19.83 -2.81 -0.14
O3 SO4 I . 20.93 -4.89 0.27
O4 SO4 I . 18.52 -4.76 0.20
S SO4 J . 7.53 24.88 15.38
O1 SO4 J . 7.89 25.39 14.06
O2 SO4 J . 6.59 25.80 16.02
O3 SO4 J . 8.74 24.80 16.20
O4 SO4 J . 6.97 23.53 15.28
S SO4 K . 1.91 -26.14 6.35
O1 SO4 K . 1.19 -26.05 5.08
O2 SO4 K . 1.06 -25.97 7.50
O3 SO4 K . 2.95 -25.12 6.39
O4 SO4 K . 2.55 -27.45 6.46
S SO4 L . 12.06 10.34 -8.52
O1 SO4 L . 11.30 10.45 -7.27
O2 SO4 L . 11.33 10.92 -9.64
O3 SO4 L . 13.36 11.00 -8.34
O4 SO4 L . 12.35 8.93 -8.76
S SO4 M . 6.30 -13.35 -25.30
O1 SO4 M . 4.96 -13.19 -25.86
O2 SO4 M . 6.69 -12.14 -24.57
O3 SO4 M . 7.16 -13.53 -26.47
O4 SO4 M . 6.34 -14.48 -24.37
#